data_8T9Y
#
_entry.id   8T9Y
#
_cell.length_a   73.565
_cell.length_b   73.565
_cell.length_c   207.235
_cell.angle_alpha   90.00
_cell.angle_beta   90.00
_cell.angle_gamma   90.00
#
_symmetry.space_group_name_H-M   'P 43 21 2'
#
loop_
_entity.id
_entity.type
_entity.pdbx_description
1 polymer 'VHH domain'
2 polymer 'Fab light chain'
3 polymer 'Fab heavy chain'
4 non-polymer DI(HYDROXYETHYL)ETHER
5 water water
#
loop_
_entity_poly.entity_id
_entity_poly.type
_entity_poly.pdbx_seq_one_letter_code
_entity_poly.pdbx_strand_id
1 'polypeptide(L)'
;GSQRQLVESGGGLVQPGGSLRLSCAASGSTDSIEYMTWFRQAPGKEREGVAALYTHTGNTYYADSVKGRFIISRDKAKNM
VYLQMNSLEPEDTAVYYCGATRKYVPVRFALDQSSYDYWGKGTPVTVSS
;
A
2 'polypeptide(L)'
;SDIQMTQSPSSLSASVGDRVTITCRASQSVSSAVAWYQQKPGKAPKLLIYSASSLYSGVPSRFSGSRSGTDFTLTISSLQ
PEDFATYYCQQSSSSLITFGQGTKVEIKRTVAAPSVFIFPPSDSQLKSGTASVVCLLNNFYPREAKVQWKVDNALQSGNS
QESVTEQDSKDSTYSLSSTLTLSKADYEKHKVYACEVTQGTTSVTKSFNRGEC
;
L
3 'polypeptide(L)'
;EISEVQLVESGGGLVQPGGSLRLSCAASGFNFSYYSIHWVRQAPGKGLEWVAYISSSSSYTSYADSVKGRFTISADTSKN
TAYLQMNSLRAEDTAVYYCARGYQYWQYHASWYWNGGLDYWGQGTLVTVFNQIKGPSVFPLAPSSKSTSGGTAALGCLVK
DYFPEPVTVSWNSGALTSGVHTFPAVLQSSGLYSLSSVVTVPSSSLGTQTYICNVNHKPSNTKVDKKVEPKSCDKTHT
;
H
#
loop_
_chem_comp.id
_chem_comp.type
_chem_comp.name
_chem_comp.formula
PEG non-polymer DI(HYDROXYETHYL)ETHER 'C4 H10 O3'
#
# COMPACT_ATOMS: atom_id res chain seq x y z
N GLN A 5 -30.37 14.99 23.03
CA GLN A 5 -30.21 13.87 22.05
C GLN A 5 -30.98 14.21 20.77
N LEU A 6 -30.27 14.18 19.64
CA LEU A 6 -30.84 14.38 18.31
C LEU A 6 -30.51 13.15 17.46
N VAL A 7 -31.52 12.60 16.76
CA VAL A 7 -31.32 11.45 15.88
C VAL A 7 -31.80 11.80 14.47
N GLU A 8 -30.97 11.44 13.47
CA GLU A 8 -31.31 11.71 12.08
C GLU A 8 -31.63 10.40 11.34
N SER A 9 -32.60 10.50 10.42
CA SER A 9 -32.94 9.45 9.49
C SER A 9 -33.06 10.06 8.08
N GLY A 10 -33.30 9.22 7.07
CA GLY A 10 -33.68 9.70 5.75
C GLY A 10 -32.59 9.51 4.71
N GLY A 11 -31.33 9.44 5.18
CA GLY A 11 -30.19 9.26 4.30
C GLY A 11 -30.33 8.02 3.41
N GLY A 12 -29.73 8.09 2.23
CA GLY A 12 -29.72 6.98 1.30
C GLY A 12 -28.90 7.31 0.07
N LEU A 13 -29.01 6.46 -0.95
CA LEU A 13 -28.40 6.67 -2.26
C LEU A 13 -29.43 7.37 -3.15
N VAL A 14 -29.02 8.47 -3.78
CA VAL A 14 -29.86 9.20 -4.72
C VAL A 14 -29.06 9.40 -6.00
N GLN A 15 -29.75 9.52 -7.13
CA GLN A 15 -29.09 9.90 -8.38
C GLN A 15 -29.11 11.42 -8.52
N PRO A 16 -28.19 12.01 -9.31
CA PRO A 16 -28.26 13.44 -9.67
C PRO A 16 -29.65 13.85 -10.14
N GLY A 17 -30.22 14.85 -9.46
CA GLY A 17 -31.49 15.43 -9.86
C GLY A 17 -32.65 14.87 -9.06
N GLY A 18 -32.37 13.84 -8.24
CA GLY A 18 -33.36 13.25 -7.36
C GLY A 18 -33.54 14.07 -6.08
N SER A 19 -34.48 13.63 -5.24
CA SER A 19 -34.87 14.32 -4.01
C SER A 19 -34.70 13.40 -2.80
N LEU A 20 -34.57 14.03 -1.63
CA LEU A 20 -34.41 13.32 -0.37
C LEU A 20 -34.88 14.20 0.80
N ARG A 21 -35.48 13.55 1.80
CA ARG A 21 -36.04 14.23 2.96
C ARG A 21 -35.38 13.68 4.22
N LEU A 22 -34.59 14.53 4.89
CA LEU A 22 -33.92 14.12 6.10
C LEU A 22 -34.74 14.59 7.30
N SER A 23 -34.80 13.74 8.32
CA SER A 23 -35.58 13.99 9.52
C SER A 23 -34.64 14.19 10.71
N CYS A 24 -35.17 14.75 11.80
CA CYS A 24 -34.44 14.89 13.05
C CYS A 24 -35.43 14.79 14.21
N ALA A 25 -35.05 13.99 15.23
CA ALA A 25 -35.89 13.70 16.38
C ALA A 25 -35.19 14.14 17.67
N ALA A 26 -35.88 14.95 18.47
CA ALA A 26 -35.30 15.61 19.63
C ALA A 26 -35.73 14.93 20.93
N SER A 27 -35.36 15.57 22.05
CA SER A 27 -35.79 15.21 23.39
C SER A 27 -36.33 16.46 24.10
N SER A 32 -34.92 27.06 24.22
CA SER A 32 -33.60 26.42 24.31
C SER A 32 -32.70 26.86 23.15
N ILE A 33 -33.21 26.69 21.92
CA ILE A 33 -32.41 26.96 20.72
C ILE A 33 -33.26 27.74 19.72
N MET A 36 -31.89 25.30 15.66
CA MET A 36 -32.10 24.11 14.78
C MET A 36 -31.38 24.32 13.45
N THR A 37 -30.49 23.38 13.08
CA THR A 37 -29.65 23.56 11.91
C THR A 37 -29.27 22.22 11.29
N TRP A 38 -28.87 22.27 10.01
CA TRP A 38 -28.35 21.12 9.29
C TRP A 38 -26.95 21.46 8.79
N PHE A 39 -26.02 20.54 9.08
CA PHE A 39 -24.64 20.62 8.60
C PHE A 39 -24.34 19.35 7.80
N ARG A 40 -23.22 19.38 7.07
CA ARG A 40 -22.78 18.23 6.29
C ARG A 40 -21.25 18.19 6.29
N GLN A 41 -20.69 17.00 6.06
CA GLN A 41 -19.25 16.82 6.06
C GLN A 41 -18.85 15.70 5.09
N ALA A 42 -18.19 16.10 3.99
CA ALA A 42 -17.65 15.18 3.00
C ALA A 42 -16.18 14.89 3.27
N PRO A 43 -15.61 13.78 2.77
CA PRO A 43 -14.19 13.51 2.94
C PRO A 43 -13.30 14.66 2.46
N GLY A 44 -12.20 14.88 3.18
CA GLY A 44 -11.19 15.86 2.82
C GLY A 44 -11.64 17.30 3.03
N LYS A 45 -12.90 17.48 3.47
CA LYS A 45 -13.50 18.79 3.67
C LYS A 45 -13.96 18.92 5.12
N GLU A 46 -14.17 20.18 5.54
CA GLU A 46 -14.56 20.49 6.90
C GLU A 46 -16.09 20.65 6.96
N ARG A 47 -16.68 20.20 8.07
CA ARG A 47 -18.10 20.27 8.36
C ARG A 47 -18.65 21.67 7.99
N GLU A 48 -19.53 21.69 7.00
CA GLU A 48 -20.03 22.92 6.41
C GLU A 48 -21.52 23.06 6.76
N GLY A 49 -21.89 24.26 7.23
CA GLY A 49 -23.29 24.55 7.51
C GLY A 49 -24.11 24.63 6.23
N VAL A 50 -25.38 24.22 6.31
CA VAL A 50 -26.20 24.14 5.11
C VAL A 50 -27.45 24.99 5.27
N ALA A 51 -28.15 24.81 6.39
CA ALA A 51 -29.42 25.48 6.64
C ALA A 51 -29.66 25.63 8.14
N ALA A 52 -30.19 26.81 8.52
CA ALA A 52 -30.57 27.08 9.90
C ALA A 52 -32.04 27.50 9.95
N LEU A 53 -32.68 27.19 11.07
CA LEU A 53 -34.02 27.65 11.37
C LEU A 53 -34.00 28.30 12.77
N TYR A 54 -34.30 29.59 12.81
CA TYR A 54 -34.50 30.27 14.09
C TYR A 54 -35.91 29.98 14.56
N THR A 55 -36.02 29.28 15.70
CA THR A 55 -37.27 28.75 16.20
C THR A 55 -38.21 29.89 16.59
N HIS A 56 -37.63 30.94 17.19
CA HIS A 56 -38.41 31.94 17.92
C HIS A 56 -39.02 33.00 16.99
N THR A 57 -39.07 32.73 15.68
CA THR A 57 -39.82 33.56 14.76
C THR A 57 -40.66 32.67 13.83
N ASN A 59 -37.92 31.68 10.50
CA ASN A 59 -36.85 32.36 9.72
C ASN A 59 -35.82 31.33 9.26
N THR A 60 -35.55 31.32 7.95
CA THR A 60 -34.60 30.38 7.37
C THR A 60 -33.38 31.11 6.81
N TYR A 61 -32.19 30.54 7.08
CA TYR A 61 -30.93 30.97 6.46
C TYR A 61 -30.27 29.78 5.77
N TYR A 62 -29.61 30.05 4.63
CA TYR A 62 -29.03 29.02 3.79
C TYR A 62 -27.64 29.43 3.28
N ALA A 63 -26.80 28.42 3.01
CA ALA A 63 -25.49 28.64 2.44
C ALA A 63 -25.62 28.91 0.93
N ASP A 64 -24.59 29.55 0.36
CA ASP A 64 -24.56 29.92 -1.04
C ASP A 64 -24.62 28.68 -1.93
N SER A 65 -24.05 27.57 -1.44
CA SER A 65 -23.90 26.33 -2.19
C SER A 65 -25.22 25.56 -2.29
N VAL A 66 -26.28 26.11 -1.70
CA VAL A 66 -27.60 25.50 -1.83
C VAL A 66 -28.47 26.58 -2.48
N LYS A 67 -28.34 26.71 -3.80
CA LYS A 67 -29.03 27.76 -4.54
C LYS A 67 -30.53 27.47 -4.58
N GLY A 68 -31.20 27.76 -3.44
CA GLY A 68 -32.62 27.53 -3.23
C GLY A 68 -33.08 26.12 -3.62
N ARG A 69 -32.29 25.11 -3.23
CA ARG A 69 -32.60 23.72 -3.58
C ARG A 69 -33.14 22.99 -2.35
N PHE A 70 -32.92 23.59 -1.17
CA PHE A 70 -33.17 22.94 0.10
C PHE A 70 -34.15 23.77 0.92
N ILE A 71 -35.04 23.07 1.63
CA ILE A 71 -36.05 23.69 2.49
C ILE A 71 -36.02 22.99 3.85
N ILE A 72 -35.97 23.79 4.91
CA ILE A 72 -35.91 23.26 6.27
C ILE A 72 -37.19 23.68 7.03
N SER A 73 -38.13 22.72 7.13
CA SER A 73 -39.37 22.90 7.85
C SER A 73 -39.23 22.35 9.28
N ARG A 74 -40.33 22.38 10.04
CA ARG A 74 -40.33 21.98 11.45
C ARG A 74 -41.72 21.46 11.82
N ASP A 75 -41.77 20.67 12.90
CA ASP A 75 -43.01 20.17 13.46
C ASP A 75 -42.87 20.10 14.97
N LYS A 76 -43.38 21.14 15.66
CA LYS A 76 -43.28 21.28 17.11
C LYS A 76 -44.06 20.18 17.80
N ALA A 77 -45.25 19.88 17.26
CA ALA A 77 -46.17 18.90 17.84
C ALA A 77 -45.50 17.54 17.95
N LYS A 78 -44.65 17.21 16.97
CA LYS A 78 -43.96 15.93 16.92
C LYS A 78 -42.50 16.11 17.34
N ASN A 79 -42.09 17.37 17.57
CA ASN A 79 -40.73 17.73 17.91
C ASN A 79 -39.76 17.16 16.87
N MET A 80 -39.92 17.64 15.64
CA MET A 80 -39.14 17.20 14.50
C MET A 80 -38.70 18.42 13.68
N VAL A 81 -37.55 18.30 13.02
CA VAL A 81 -37.13 19.26 12.02
C VAL A 81 -36.72 18.47 10.78
N TYR A 82 -37.07 19.00 9.59
CA TYR A 82 -36.84 18.30 8.33
C TYR A 82 -35.89 19.11 7.47
N LEU A 83 -35.27 18.43 6.48
CA LEU A 83 -34.58 19.11 5.39
C LEU A 83 -35.02 18.48 4.06
N GLN A 84 -35.65 19.31 3.23
CA GLN A 84 -36.12 18.88 1.91
C GLN A 84 -35.05 19.20 0.87
N MET A 85 -34.33 18.15 0.44
CA MET A 85 -33.22 18.33 -0.48
C MET A 85 -33.70 18.04 -1.89
N ASN A 86 -33.63 19.05 -2.77
CA ASN A 86 -34.08 18.90 -4.15
C ASN A 86 -32.91 19.07 -5.12
N SER A 87 -33.12 18.58 -6.35
CA SER A 87 -32.17 18.70 -7.45
C SER A 87 -30.75 18.43 -6.95
N LEU A 88 -30.50 17.18 -6.55
CA LEU A 88 -29.26 16.84 -5.89
C LEU A 88 -28.15 16.64 -6.91
N GLU A 89 -26.93 16.94 -6.49
CA GLU A 89 -25.75 16.92 -7.34
C GLU A 89 -24.69 16.07 -6.65
N PRO A 90 -23.70 15.49 -7.37
CA PRO A 90 -22.68 14.67 -6.71
C PRO A 90 -22.01 15.44 -5.57
N GLU A 91 -21.88 16.76 -5.73
CA GLU A 91 -21.18 17.63 -4.81
C GLU A 91 -21.89 17.67 -3.46
N ASP A 92 -23.05 17.00 -3.37
CA ASP A 92 -23.91 17.07 -2.20
C ASP A 92 -23.69 15.87 -1.29
N THR A 93 -22.94 14.89 -1.80
CA THR A 93 -22.55 13.69 -1.09
C THR A 93 -21.80 14.07 0.20
N ALA A 94 -22.33 13.62 1.33
CA ALA A 94 -21.81 13.94 2.65
C ALA A 94 -22.64 13.22 3.71
N VAL A 95 -22.14 13.21 4.95
CA VAL A 95 -22.96 12.87 6.11
C VAL A 95 -23.62 14.18 6.53
N TYR A 96 -24.92 14.11 6.86
CA TYR A 96 -25.66 15.29 7.27
C TYR A 96 -25.99 15.17 8.76
N TYR A 97 -25.78 16.29 9.49
CA TYR A 97 -25.83 16.34 10.94
C TYR A 97 -26.84 17.40 11.40
N CYS A 98 -27.59 17.06 12.45
CA CYS A 98 -28.66 17.92 12.95
C CYS A 98 -28.08 19.08 13.77
N VAL A 105 -26.42 34.26 19.49
CA VAL A 105 -25.91 33.84 18.14
C VAL A 105 -26.20 34.93 17.13
N PRO A 106 -25.16 35.58 16.55
CA PRO A 106 -25.36 36.51 15.43
C PRO A 106 -25.99 35.75 14.26
N VAL A 107 -26.92 36.42 13.57
CA VAL A 107 -27.53 35.90 12.37
C VAL A 107 -26.48 35.89 11.26
N ARG A 108 -25.24 36.26 11.65
CA ARG A 108 -24.09 36.34 10.75
C ARG A 108 -23.17 35.14 11.02
N PHE A 109 -23.22 34.64 12.26
CA PHE A 109 -22.42 33.49 12.69
C PHE A 109 -23.35 32.34 13.07
N ALA A 110 -24.38 32.12 12.24
CA ALA A 110 -25.46 31.19 12.56
C ALA A 110 -25.45 29.95 11.66
N LEU A 111 -24.59 29.96 10.63
CA LEU A 111 -24.32 28.78 9.85
C LEU A 111 -22.90 28.29 10.14
N ASP A 112 -22.51 28.40 11.41
CA ASP A 112 -21.14 28.13 11.84
C ASP A 112 -21.14 27.00 12.87
N GLN A 113 -20.24 26.04 12.65
CA GLN A 113 -20.11 24.85 13.48
C GLN A 113 -20.00 25.24 14.95
N SER A 114 -19.15 26.24 15.21
CA SER A 114 -18.66 26.58 16.53
C SER A 114 -19.73 27.26 17.38
N SER A 115 -21.00 27.01 17.08
CA SER A 115 -22.09 27.79 17.66
C SER A 115 -23.16 26.89 18.29
N TYR A 116 -22.97 25.57 18.20
CA TYR A 116 -24.02 24.65 18.62
C TYR A 116 -23.51 23.67 19.68
N ASP A 117 -24.36 23.51 20.71
CA ASP A 117 -24.09 22.63 21.85
C ASP A 117 -23.98 21.18 21.37
N TYR A 118 -25.13 20.57 21.06
CA TYR A 118 -25.16 19.15 20.77
C TYR A 118 -25.54 18.89 19.31
N TRP A 119 -24.91 17.86 18.75
CA TRP A 119 -25.17 17.39 17.40
C TRP A 119 -25.78 15.99 17.47
N GLY A 120 -26.37 15.58 16.34
CA GLY A 120 -26.68 14.17 16.12
C GLY A 120 -25.46 13.43 15.59
N LYS A 121 -25.58 12.10 15.47
CA LYS A 121 -24.51 11.24 14.97
C LYS A 121 -24.40 11.36 13.44
N GLY A 122 -25.47 11.80 12.80
CA GLY A 122 -25.44 12.09 11.37
C GLY A 122 -26.07 10.96 10.54
N THR A 123 -26.64 11.33 9.40
CA THR A 123 -27.17 10.37 8.43
C THR A 123 -26.48 10.60 7.07
N PRO A 124 -25.81 9.56 6.53
CA PRO A 124 -25.09 9.68 5.26
C PRO A 124 -25.97 9.81 4.02
N VAL A 125 -25.55 10.70 3.10
CA VAL A 125 -26.20 10.89 1.82
C VAL A 125 -25.18 10.74 0.71
N THR A 126 -25.38 9.74 -0.16
CA THR A 126 -24.57 9.59 -1.35
C THR A 126 -25.39 9.97 -2.58
N VAL A 127 -24.92 10.97 -3.32
CA VAL A 127 -25.54 11.34 -4.59
C VAL A 127 -24.60 10.87 -5.69
N SER A 128 -25.03 9.84 -6.42
CA SER A 128 -24.15 9.24 -7.40
C SER A 128 -24.95 8.72 -8.58
N SER A 129 -24.55 9.15 -9.77
CA SER A 129 -24.92 8.48 -11.00
C SER A 129 -24.35 7.06 -10.96
N THR B 6 -12.51 -8.21 -0.27
CA THR B 6 -11.59 -9.38 -0.01
C THR B 6 -10.67 -9.58 -1.21
N GLN B 7 -11.25 -9.87 -2.37
CA GLN B 7 -10.47 -10.32 -3.51
C GLN B 7 -10.56 -9.32 -4.66
N SER B 8 -9.49 -9.27 -5.48
CA SER B 8 -9.40 -8.44 -6.68
C SER B 8 -8.44 -9.07 -7.69
N PRO B 9 -8.63 -8.91 -9.02
CA PRO B 9 -7.63 -9.28 -10.04
C PRO B 9 -6.23 -8.74 -9.78
N SER B 10 -5.25 -9.64 -9.64
CA SER B 10 -4.00 -9.38 -8.92
C SER B 10 -3.05 -8.46 -9.70
N SER B 11 -3.05 -8.59 -11.03
CA SER B 11 -2.02 -7.98 -11.84
C SER B 11 -2.58 -7.73 -13.24
N LEU B 12 -2.19 -6.60 -13.83
CA LEU B 12 -2.87 -6.04 -14.98
C LEU B 12 -1.84 -5.29 -15.81
N SER B 13 -1.77 -5.58 -17.11
CA SER B 13 -0.95 -4.79 -18.02
C SER B 13 -1.86 -3.99 -18.95
N ALA B 14 -1.57 -2.70 -19.05
CA ALA B 14 -2.32 -1.83 -19.94
C ALA B 14 -1.41 -0.80 -20.58
N SER B 15 -1.97 -0.09 -21.57
CA SER B 15 -1.26 0.94 -22.30
C SER B 15 -1.87 2.30 -21.97
N VAL B 16 -1.10 3.36 -22.19
CA VAL B 16 -1.62 4.71 -22.08
C VAL B 16 -2.74 4.85 -23.12
N GLY B 17 -3.93 5.25 -22.66
CA GLY B 17 -5.09 5.32 -23.53
C GLY B 17 -6.13 4.23 -23.24
N ASP B 18 -5.70 3.08 -22.69
CA ASP B 18 -6.59 1.95 -22.48
C ASP B 18 -7.60 2.28 -21.39
N ARG B 19 -8.77 1.61 -21.46
CA ARG B 19 -9.78 1.61 -20.43
C ARG B 19 -9.52 0.41 -19.52
N VAL B 20 -9.52 0.64 -18.20
CA VAL B 20 -9.05 -0.37 -17.25
C VAL B 20 -10.10 -0.53 -16.16
N THR B 21 -10.39 -1.79 -15.81
CA THR B 21 -11.42 -2.11 -14.81
C THR B 21 -10.87 -3.13 -13.81
N ILE B 22 -10.94 -2.78 -12.51
CA ILE B 22 -10.54 -3.67 -11.44
C ILE B 22 -11.80 -4.03 -10.65
N THR B 23 -11.88 -5.27 -10.18
CA THR B 23 -13.02 -5.77 -9.42
C THR B 23 -12.63 -5.99 -7.96
N CYS B 24 -13.62 -5.90 -7.07
CA CYS B 24 -13.46 -6.24 -5.66
C CYS B 24 -14.61 -7.18 -5.26
N ARG B 25 -14.30 -8.24 -4.50
CA ARG B 25 -15.30 -9.11 -3.87
C ARG B 25 -16.23 -8.28 -2.98
N SER B 32 -21.02 -3.66 3.15
CA SER B 32 -20.52 -2.27 3.23
C SER B 32 -20.03 -1.79 1.86
N ALA B 33 -20.37 -0.55 1.51
CA ALA B 33 -19.84 0.07 0.31
C ALA B 33 -18.31 0.17 0.40
N VAL B 34 -17.67 0.17 -0.78
CA VAL B 34 -16.24 0.06 -0.91
C VAL B 34 -15.64 1.45 -1.12
N ALA B 35 -14.41 1.64 -0.61
CA ALA B 35 -13.56 2.78 -0.94
C ALA B 35 -12.32 2.27 -1.67
N TRP B 36 -11.77 3.11 -2.55
CA TRP B 36 -10.60 2.78 -3.35
C TRP B 36 -9.45 3.73 -3.02
N TYR B 37 -8.25 3.19 -2.89
CA TYR B 37 -7.03 3.94 -2.60
C TYR B 37 -5.98 3.60 -3.65
N GLN B 38 -5.11 4.57 -3.93
CA GLN B 38 -4.01 4.40 -4.85
C GLN B 38 -2.72 4.55 -4.06
N GLN B 39 -1.77 3.65 -4.32
CA GLN B 39 -0.45 3.75 -3.70
C GLN B 39 0.63 3.57 -4.75
N LYS B 40 1.58 4.52 -4.77
CA LYS B 40 2.77 4.39 -5.57
C LYS B 40 3.95 4.04 -4.66
N PRO B 41 4.95 3.27 -5.14
CA PRO B 41 6.05 2.79 -4.30
C PRO B 41 6.71 3.90 -3.49
N GLY B 42 6.76 3.69 -2.17
CA GLY B 42 7.52 4.52 -1.24
C GLY B 42 6.73 5.74 -0.77
N LYS B 43 5.42 5.77 -1.05
CA LYS B 43 4.56 6.91 -0.75
C LYS B 43 3.33 6.44 0.02
N ALA B 44 2.68 7.35 0.75
CA ALA B 44 1.47 7.01 1.48
C ALA B 44 0.29 6.80 0.50
N PRO B 45 -0.69 5.94 0.84
CA PRO B 45 -1.86 5.75 -0.02
C PRO B 45 -2.69 7.04 -0.09
N LYS B 46 -3.41 7.19 -1.20
CA LYS B 46 -4.35 8.28 -1.39
C LYS B 46 -5.74 7.70 -1.60
N LEU B 47 -6.76 8.43 -1.14
CA LEU B 47 -8.13 8.03 -1.35
C LEU B 47 -8.60 8.58 -2.70
N LEU B 48 -9.24 7.70 -3.48
CA LEU B 48 -9.64 7.94 -4.85
C LEU B 48 -11.16 7.99 -4.95
N ILE B 49 -11.79 6.97 -4.36
CA ILE B 49 -13.23 6.78 -4.46
C ILE B 49 -13.70 6.33 -3.09
N TYR B 50 -14.75 6.96 -2.57
CA TYR B 50 -15.39 6.48 -1.37
C TYR B 50 -16.87 6.21 -1.71
N SER B 51 -17.57 5.51 -0.80
CA SER B 51 -19.00 5.27 -0.96
C SER B 51 -19.28 4.65 -2.33
N ALA B 52 -18.45 3.67 -2.71
CA ALA B 52 -18.59 2.93 -3.97
C ALA B 52 -18.27 3.79 -5.19
N SER B 53 -18.80 5.02 -5.28
CA SER B 53 -18.75 5.69 -6.58
C SER B 53 -18.49 7.19 -6.50
N SER B 54 -18.12 7.72 -5.33
CA SER B 54 -17.90 9.15 -5.19
C SER B 54 -16.41 9.48 -5.31
N LEU B 55 -16.12 10.35 -6.27
CA LEU B 55 -14.77 10.84 -6.54
C LEU B 55 -14.35 11.75 -5.39
N TYR B 56 -13.25 11.39 -4.72
CA TYR B 56 -12.62 12.23 -3.71
C TYR B 56 -12.02 13.48 -4.36
N SER B 57 -11.96 14.57 -3.60
CA SER B 57 -11.35 15.83 -3.97
C SER B 57 -10.05 15.66 -4.76
N GLY B 58 -9.97 16.39 -5.88
CA GLY B 58 -8.76 16.50 -6.66
C GLY B 58 -8.50 15.28 -7.54
N VAL B 59 -9.26 14.20 -7.30
CA VAL B 59 -9.16 13.04 -8.16
C VAL B 59 -9.77 13.41 -9.51
N PRO B 60 -9.05 13.17 -10.64
CA PRO B 60 -9.56 13.54 -11.97
C PRO B 60 -10.68 12.61 -12.45
N SER B 61 -11.33 13.03 -13.54
CA SER B 61 -12.67 12.55 -13.85
C SER B 61 -12.62 11.20 -14.58
N ARG B 62 -11.46 10.84 -15.13
CA ARG B 62 -11.32 9.55 -15.81
C ARG B 62 -11.45 8.39 -14.81
N PHE B 63 -11.51 8.70 -13.51
CA PHE B 63 -11.78 7.66 -12.53
C PHE B 63 -13.28 7.60 -12.24
N SER B 64 -13.80 6.38 -12.10
CA SER B 64 -15.16 6.15 -11.64
C SER B 64 -15.23 4.81 -10.90
N GLY B 65 -16.31 4.59 -10.16
CA GLY B 65 -16.60 3.33 -9.47
C GLY B 65 -18.03 2.87 -9.78
N SER B 66 -18.29 1.56 -9.63
CA SER B 66 -19.62 1.04 -9.88
C SER B 66 -19.83 -0.30 -9.16
N ARG B 67 -21.07 -0.81 -9.24
CA ARG B 67 -21.44 -2.10 -8.59
C ARG B 67 -22.05 -3.03 -9.63
N SER B 68 -21.22 -3.64 -10.48
CA SER B 68 -21.70 -4.57 -11.53
C SER B 68 -22.26 -5.84 -10.89
N GLY B 69 -23.53 -5.80 -10.49
CA GLY B 69 -24.19 -6.96 -9.85
C GLY B 69 -24.04 -6.92 -8.33
N THR B 70 -23.03 -7.63 -7.81
CA THR B 70 -22.77 -7.68 -6.35
C THR B 70 -21.29 -7.39 -6.09
N ASP B 71 -20.53 -7.10 -7.15
CA ASP B 71 -19.08 -6.81 -7.02
C ASP B 71 -18.84 -5.32 -7.32
N PHE B 72 -17.87 -4.72 -6.63
CA PHE B 72 -17.55 -3.31 -6.83
C PHE B 72 -16.41 -3.20 -7.83
N THR B 73 -16.49 -2.19 -8.70
CA THR B 73 -15.50 -2.00 -9.76
C THR B 73 -14.92 -0.58 -9.68
N LEU B 74 -13.67 -0.46 -10.09
CA LEU B 74 -13.04 0.82 -10.34
C LEU B 74 -12.64 0.86 -11.82
N THR B 75 -12.98 1.95 -12.52
CA THR B 75 -12.64 2.05 -13.92
C THR B 75 -11.78 3.30 -14.10
N ILE B 76 -10.74 3.16 -14.93
CA ILE B 76 -10.00 4.29 -15.46
C ILE B 76 -10.27 4.31 -16.96
N SER B 77 -11.04 5.30 -17.40
CA SER B 77 -11.60 5.32 -18.74
C SER B 77 -10.52 5.49 -19.81
N SER B 78 -9.42 6.15 -19.43
CA SER B 78 -8.34 6.43 -20.34
C SER B 78 -7.05 6.62 -19.54
N LEU B 79 -6.31 5.51 -19.39
CA LEU B 79 -5.16 5.38 -18.53
C LEU B 79 -4.06 6.39 -18.92
N GLN B 80 -3.51 7.05 -17.91
CA GLN B 80 -2.46 8.03 -18.05
C GLN B 80 -1.19 7.49 -17.40
N PRO B 81 0.01 8.03 -17.72
CA PRO B 81 1.26 7.55 -17.13
C PRO B 81 1.28 7.55 -15.61
N GLU B 82 0.62 8.55 -14.99
CA GLU B 82 0.66 8.70 -13.55
C GLU B 82 -0.30 7.74 -12.85
N ASP B 83 -0.98 6.87 -13.61
CA ASP B 83 -2.01 6.00 -13.07
C ASP B 83 -1.48 4.57 -12.86
N PHE B 84 -0.28 4.28 -13.35
CA PHE B 84 0.33 3.00 -13.04
C PHE B 84 0.74 3.00 -11.58
N ALA B 85 0.10 2.12 -10.81
CA ALA B 85 0.24 2.07 -9.35
C ALA B 85 -0.43 0.81 -8.82
N THR B 86 -0.55 0.70 -7.50
CA THR B 86 -1.35 -0.34 -6.89
C THR B 86 -2.66 0.28 -6.40
N TYR B 87 -3.73 -0.52 -6.49
CA TYR B 87 -5.07 -0.08 -6.12
C TYR B 87 -5.64 -1.04 -5.07
N TYR B 88 -6.20 -0.48 -4.01
CA TYR B 88 -6.75 -1.27 -2.92
C TYR B 88 -8.20 -0.88 -2.72
N CYS B 89 -9.09 -1.87 -2.60
CA CYS B 89 -10.43 -1.57 -2.15
C CYS B 89 -10.48 -1.75 -0.63
N GLN B 90 -11.44 -1.09 0.02
CA GLN B 90 -11.52 -1.17 1.47
C GLN B 90 -12.97 -1.20 1.92
N GLN B 91 -13.28 -2.16 2.79
CA GLN B 91 -14.61 -2.37 3.34
C GLN B 91 -14.61 -2.18 4.86
N SER B 92 -15.82 -2.24 5.43
CA SER B 92 -16.05 -2.34 6.85
C SER B 92 -16.92 -3.55 7.15
N SER B 93 -16.65 -4.19 8.29
CA SER B 93 -17.47 -5.28 8.81
C SER B 93 -17.43 -5.22 10.33
N SER B 94 -18.61 -5.08 10.95
CA SER B 94 -18.75 -4.66 12.33
C SER B 94 -17.86 -3.44 12.59
N SER B 95 -17.07 -3.56 13.66
CA SER B 95 -16.13 -2.53 14.09
C SER B 95 -14.77 -2.73 13.40
N LEU B 96 -14.73 -3.57 12.36
CA LEU B 96 -13.47 -3.90 11.70
C LEU B 96 -13.43 -3.26 10.31
N ILE B 97 -12.22 -2.89 9.88
CA ILE B 97 -11.93 -2.43 8.53
C ILE B 97 -10.93 -3.38 7.90
N THR B 98 -11.12 -3.70 6.62
CA THR B 98 -10.20 -4.57 5.89
C THR B 98 -9.91 -3.98 4.51
N PHE B 99 -8.65 -4.15 4.07
CA PHE B 99 -8.24 -3.74 2.73
C PHE B 99 -8.14 -4.97 1.85
N GLY B 100 -8.40 -4.79 0.55
CA GLY B 100 -8.25 -5.88 -0.40
C GLY B 100 -6.79 -6.26 -0.60
N GLN B 101 -6.58 -7.40 -1.27
CA GLN B 101 -5.27 -7.94 -1.59
C GLN B 101 -4.44 -6.92 -2.36
N GLY B 102 -5.10 -6.10 -3.18
CA GLY B 102 -4.42 -5.08 -3.97
C GLY B 102 -4.31 -5.51 -5.43
N THR B 103 -4.27 -4.54 -6.35
CA THR B 103 -4.12 -4.80 -7.76
C THR B 103 -3.10 -3.85 -8.37
N LYS B 104 -2.01 -4.39 -8.93
CA LYS B 104 -1.01 -3.53 -9.53
C LYS B 104 -1.27 -3.39 -11.02
N VAL B 105 -1.29 -2.15 -11.49
CA VAL B 105 -1.53 -1.84 -12.89
C VAL B 105 -0.19 -1.51 -13.54
N GLU B 106 0.26 -2.38 -14.43
CA GLU B 106 1.61 -2.32 -14.98
C GLU B 106 1.58 -1.90 -16.45
N ILE B 107 2.75 -1.56 -16.99
CA ILE B 107 2.86 -1.07 -18.35
C ILE B 107 2.96 -2.24 -19.33
N LYS B 108 1.97 -2.36 -20.22
CA LYS B 108 2.03 -3.31 -21.33
C LYS B 108 3.14 -2.86 -22.28
N ARG B 109 3.84 -3.83 -22.85
CA ARG B 109 4.97 -3.51 -23.78
C ARG B 109 5.21 -4.70 -24.70
N THR B 110 6.09 -4.53 -25.68
CA THR B 110 6.38 -5.61 -26.61
C THR B 110 7.13 -6.74 -25.90
N VAL B 111 6.87 -7.98 -26.35
CA VAL B 111 7.49 -9.18 -25.84
C VAL B 111 8.99 -9.14 -26.09
N ALA B 112 9.76 -9.53 -25.07
CA ALA B 112 11.21 -9.54 -25.14
C ALA B 112 11.74 -10.82 -24.52
N ALA B 113 12.64 -11.49 -25.24
CA ALA B 113 13.26 -12.72 -24.78
C ALA B 113 14.33 -12.40 -23.76
N PRO B 114 14.40 -13.16 -22.64
CA PRO B 114 15.43 -12.96 -21.62
C PRO B 114 16.77 -13.35 -22.23
N SER B 115 17.81 -12.57 -21.93
CA SER B 115 19.16 -13.09 -22.09
C SER B 115 19.54 -13.79 -20.80
N VAL B 116 20.00 -15.04 -20.92
CA VAL B 116 20.18 -15.92 -19.78
C VAL B 116 21.67 -16.02 -19.48
N PHE B 117 22.01 -15.93 -18.18
CA PHE B 117 23.38 -16.06 -17.72
C PHE B 117 23.40 -17.05 -16.57
N ILE B 118 24.33 -18.00 -16.62
CA ILE B 118 24.45 -18.95 -15.54
C ILE B 118 25.80 -18.68 -14.86
N PHE B 119 25.80 -18.74 -13.51
CA PHE B 119 26.97 -18.44 -12.70
C PHE B 119 27.29 -19.64 -11.82
N PRO B 120 28.49 -20.24 -11.96
CA PRO B 120 28.93 -21.30 -11.05
C PRO B 120 29.18 -20.69 -9.68
N PRO B 121 29.16 -21.49 -8.58
CA PRO B 121 29.57 -20.97 -7.27
C PRO B 121 31.04 -20.53 -7.34
N SER B 122 31.34 -19.43 -6.64
CA SER B 122 32.70 -18.91 -6.53
C SER B 122 33.57 -19.83 -5.67
N ASP B 123 34.86 -19.90 -6.03
CA ASP B 123 35.83 -20.65 -5.26
C ASP B 123 35.74 -20.23 -3.80
N SER B 124 35.47 -18.94 -3.60
CA SER B 124 35.34 -18.32 -2.29
C SER B 124 34.26 -19.01 -1.44
N GLN B 125 33.03 -19.16 -1.99
CA GLN B 125 31.90 -19.74 -1.28
C GLN B 125 32.15 -21.24 -1.05
N LEU B 126 32.74 -21.90 -2.05
CA LEU B 126 33.00 -23.32 -1.99
C LEU B 126 33.83 -23.66 -0.77
N LYS B 127 34.93 -22.92 -0.55
CA LYS B 127 35.87 -23.30 0.49
C LYS B 127 35.35 -22.90 1.88
N SER B 128 34.01 -22.80 1.99
CA SER B 128 33.32 -22.81 3.27
C SER B 128 32.10 -23.72 3.19
N GLY B 129 32.12 -24.64 2.21
CA GLY B 129 31.28 -25.83 2.19
C GLY B 129 29.82 -25.57 1.83
N THR B 130 29.58 -24.61 0.92
CA THR B 130 28.26 -24.36 0.37
C THR B 130 28.39 -24.04 -1.12
N ALA B 131 27.37 -24.43 -1.90
CA ALA B 131 27.42 -24.23 -3.34
C ALA B 131 26.12 -23.58 -3.83
N SER B 132 26.22 -22.33 -4.28
CA SER B 132 25.07 -21.64 -4.83
C SER B 132 25.25 -21.41 -6.33
N VAL B 133 24.40 -22.05 -7.12
CA VAL B 133 24.44 -21.81 -8.57
C VAL B 133 23.33 -20.81 -8.90
N VAL B 134 23.69 -19.76 -9.65
CA VAL B 134 22.79 -18.63 -9.90
C VAL B 134 22.54 -18.45 -11.41
N CYS B 135 21.26 -18.55 -11.78
CA CYS B 135 20.73 -18.38 -13.13
C CYS B 135 20.06 -17.01 -13.17
N LEU B 136 20.40 -16.20 -14.19
CA LEU B 136 19.80 -14.88 -14.34
C LEU B 136 19.09 -14.79 -15.68
N LEU B 137 17.82 -14.34 -15.64
CA LEU B 137 17.06 -13.95 -16.81
C LEU B 137 16.95 -12.43 -16.80
N ASN B 138 17.45 -11.78 -17.83
CA ASN B 138 17.61 -10.33 -17.80
C ASN B 138 16.78 -9.70 -18.92
N ASN B 139 16.02 -8.66 -18.56
CA ASN B 139 15.39 -7.72 -19.47
C ASN B 139 14.37 -8.40 -20.39
N PHE B 140 13.43 -9.14 -19.79
CA PHE B 140 12.43 -9.89 -20.56
C PHE B 140 11.02 -9.35 -20.29
N TYR B 141 10.09 -9.70 -21.20
CA TYR B 141 8.68 -9.38 -21.01
C TYR B 141 7.83 -10.37 -21.81
N PRO B 142 6.69 -10.88 -21.29
CA PRO B 142 6.17 -10.52 -19.95
C PRO B 142 6.85 -11.22 -18.78
N ARG B 143 6.24 -11.15 -17.60
CA ARG B 143 6.86 -11.58 -16.36
C ARG B 143 6.89 -13.12 -16.27
N GLU B 144 5.82 -13.77 -16.76
CA GLU B 144 5.62 -15.22 -16.64
C GLU B 144 6.72 -16.02 -17.33
N ALA B 145 7.33 -16.92 -16.55
CA ALA B 145 8.40 -17.78 -17.03
C ALA B 145 8.41 -19.05 -16.18
N LYS B 146 9.03 -20.12 -16.69
CA LYS B 146 9.23 -21.34 -15.94
C LYS B 146 10.72 -21.66 -15.94
N VAL B 147 11.32 -21.68 -14.74
CA VAL B 147 12.72 -22.00 -14.61
C VAL B 147 12.85 -23.43 -14.10
N GLN B 148 13.86 -24.15 -14.61
CA GLN B 148 14.12 -25.53 -14.24
C GLN B 148 15.61 -25.77 -14.21
N TRP B 149 16.08 -26.28 -13.06
CA TRP B 149 17.47 -26.59 -12.84
C TRP B 149 17.73 -28.04 -13.25
N LYS B 150 18.87 -28.26 -13.92
CA LYS B 150 19.34 -29.58 -14.32
C LYS B 150 20.75 -29.80 -13.76
N VAL B 151 20.96 -30.99 -13.19
CA VAL B 151 22.25 -31.38 -12.64
C VAL B 151 22.63 -32.74 -13.24
N ASP B 152 23.59 -32.71 -14.19
CA ASP B 152 23.93 -33.85 -15.01
C ASP B 152 22.66 -34.41 -15.64
N ASN B 153 21.79 -33.51 -16.11
CA ASN B 153 20.65 -33.90 -16.93
C ASN B 153 19.45 -34.35 -16.10
N ALA B 154 19.61 -34.47 -14.77
CA ALA B 154 18.47 -34.75 -13.90
C ALA B 154 17.84 -33.44 -13.42
N LEU B 155 16.53 -33.30 -13.64
CA LEU B 155 15.78 -32.13 -13.22
C LEU B 155 15.68 -32.07 -11.70
N GLN B 156 15.51 -30.86 -11.17
CA GLN B 156 15.64 -30.60 -9.74
C GLN B 156 14.31 -30.09 -9.18
N SER B 157 14.19 -30.17 -7.85
CA SER B 157 12.98 -29.84 -7.12
C SER B 157 13.34 -29.64 -5.65
N GLY B 158 12.73 -28.63 -5.03
CA GLY B 158 12.83 -28.44 -3.59
C GLY B 158 14.13 -27.77 -3.13
N ASN B 159 15.01 -27.43 -4.07
CA ASN B 159 16.35 -26.94 -3.72
C ASN B 159 16.70 -25.68 -4.52
N SER B 160 15.67 -24.93 -4.97
CA SER B 160 15.91 -23.69 -5.68
C SER B 160 14.90 -22.63 -5.22
N GLN B 161 15.29 -21.34 -5.32
CA GLN B 161 14.41 -20.22 -5.02
C GLN B 161 14.51 -19.18 -6.14
N GLU B 162 13.43 -18.41 -6.31
CA GLU B 162 13.31 -17.41 -7.38
C GLU B 162 12.97 -16.06 -6.76
N SER B 163 13.37 -14.99 -7.45
CA SER B 163 13.00 -13.62 -7.10
C SER B 163 12.94 -12.78 -8.37
N VAL B 164 12.10 -11.72 -8.39
CA VAL B 164 11.79 -10.95 -9.60
C VAL B 164 11.73 -9.46 -9.29
N THR B 165 12.39 -8.64 -10.12
CA THR B 165 12.36 -7.19 -9.93
C THR B 165 10.98 -6.64 -10.30
N GLU B 166 10.66 -5.43 -9.81
CA GLU B 166 9.57 -4.64 -10.36
C GLU B 166 9.96 -4.18 -11.77
N GLN B 167 8.99 -3.67 -12.52
CA GLN B 167 9.20 -3.26 -13.90
C GLN B 167 10.28 -2.18 -13.97
N ASP B 168 11.22 -2.36 -14.90
CA ASP B 168 12.28 -1.40 -15.11
C ASP B 168 11.67 -0.04 -15.47
N SER B 169 12.24 1.03 -14.91
CA SER B 169 11.69 2.37 -15.10
C SER B 169 12.07 2.95 -16.47
N LYS B 170 12.96 2.26 -17.19
CA LYS B 170 13.43 2.72 -18.48
C LYS B 170 12.78 1.93 -19.61
N ASP B 171 12.86 0.59 -19.56
CA ASP B 171 12.49 -0.23 -20.71
C ASP B 171 11.21 -1.02 -20.45
N SER B 172 10.78 -1.08 -19.19
CA SER B 172 9.52 -1.69 -18.78
C SER B 172 9.62 -3.23 -18.72
N THR B 173 10.84 -3.74 -18.61
CA THR B 173 11.07 -5.16 -18.59
C THR B 173 11.08 -5.68 -17.15
N TYR B 174 11.38 -6.96 -17.00
CA TYR B 174 11.62 -7.57 -15.71
C TYR B 174 12.93 -8.33 -15.78
N SER B 175 13.50 -8.63 -14.61
CA SER B 175 14.59 -9.57 -14.51
C SER B 175 14.24 -10.58 -13.42
N LEU B 176 14.93 -11.70 -13.44
CA LEU B 176 14.60 -12.77 -12.51
C LEU B 176 15.87 -13.54 -12.21
N SER B 177 16.05 -13.87 -10.92
CA SER B 177 17.17 -14.68 -10.48
C SER B 177 16.64 -15.99 -9.92
N SER B 178 17.38 -17.07 -10.18
CA SER B 178 17.07 -18.34 -9.56
C SER B 178 18.35 -18.90 -8.94
N THR B 179 18.22 -19.42 -7.73
CA THR B 179 19.39 -19.90 -7.01
C THR B 179 19.16 -21.36 -6.61
N LEU B 180 20.04 -22.22 -7.12
CA LEU B 180 20.16 -23.60 -6.68
C LEU B 180 21.16 -23.66 -5.52
N THR B 181 20.71 -24.17 -4.36
CA THR B 181 21.58 -24.37 -3.21
C THR B 181 21.86 -25.86 -3.05
N LEU B 182 23.14 -26.23 -3.17
CA LEU B 182 23.62 -27.58 -2.93
C LEU B 182 24.73 -27.54 -1.89
N SER B 183 24.88 -28.65 -1.14
CA SER B 183 26.09 -28.91 -0.40
C SER B 183 27.29 -28.82 -1.34
N LYS B 184 28.48 -28.54 -0.78
CA LYS B 184 29.68 -28.55 -1.58
C LYS B 184 29.92 -29.94 -2.15
N ALA B 185 29.66 -30.98 -1.33
CA ALA B 185 29.96 -32.35 -1.71
C ALA B 185 29.10 -32.78 -2.90
N ASP B 186 27.78 -32.53 -2.81
CA ASP B 186 26.83 -32.87 -3.86
C ASP B 186 27.22 -32.17 -5.16
N TYR B 187 27.97 -31.06 -5.02
CA TYR B 187 28.35 -30.28 -6.18
C TYR B 187 29.57 -30.88 -6.88
N GLU B 188 30.56 -31.31 -6.08
CA GLU B 188 31.81 -31.84 -6.60
C GLU B 188 31.60 -33.23 -7.21
N LYS B 189 30.41 -33.80 -6.98
CA LYS B 189 30.06 -35.13 -7.46
C LYS B 189 29.59 -35.08 -8.92
N HIS B 190 29.24 -33.88 -9.42
CA HIS B 190 28.54 -33.75 -10.69
C HIS B 190 29.25 -32.76 -11.62
N LYS B 191 28.89 -32.81 -12.91
CA LYS B 191 29.66 -32.09 -13.92
C LYS B 191 28.85 -31.01 -14.63
N VAL B 192 27.67 -31.38 -15.15
CA VAL B 192 26.90 -30.47 -15.99
C VAL B 192 25.82 -29.80 -15.17
N TYR B 193 25.71 -28.47 -15.34
CA TYR B 193 24.71 -27.65 -14.66
C TYR B 193 24.02 -26.71 -15.66
N ALA B 194 22.68 -26.76 -15.68
CA ALA B 194 21.86 -26.04 -16.63
C ALA B 194 20.57 -25.56 -15.95
N CYS B 195 20.16 -24.31 -16.24
CA CYS B 195 18.80 -23.87 -15.96
C CYS B 195 18.09 -23.66 -17.28
N GLU B 196 16.80 -23.96 -17.30
CA GLU B 196 16.01 -23.84 -18.50
C GLU B 196 14.89 -22.82 -18.29
N VAL B 197 14.79 -21.86 -19.21
CA VAL B 197 13.76 -20.84 -19.18
C VAL B 197 12.77 -21.11 -20.30
N THR B 198 11.54 -21.47 -19.93
CA THR B 198 10.45 -21.56 -20.88
C THR B 198 9.58 -20.31 -20.77
N GLN B 199 9.29 -19.72 -21.93
CA GLN B 199 8.27 -18.72 -22.12
C GLN B 199 7.53 -19.08 -23.39
N GLY B 200 6.26 -19.49 -23.24
CA GLY B 200 5.41 -19.78 -24.37
C GLY B 200 5.93 -21.02 -25.09
N THR B 201 6.27 -20.86 -26.37
CA THR B 201 6.73 -21.95 -27.22
C THR B 201 8.25 -22.07 -27.22
N THR B 202 8.95 -21.15 -26.55
CA THR B 202 10.41 -21.13 -26.59
C THR B 202 10.96 -21.58 -25.26
N SER B 203 12.02 -22.39 -25.34
CA SER B 203 12.65 -22.95 -24.16
C SER B 203 14.17 -22.90 -24.32
N VAL B 204 14.84 -22.10 -23.49
CA VAL B 204 16.26 -21.84 -23.63
C VAL B 204 17.02 -22.41 -22.44
N THR B 205 18.05 -23.23 -22.71
CA THR B 205 18.89 -23.80 -21.67
C THR B 205 20.30 -23.18 -21.75
N LYS B 206 20.83 -22.79 -20.59
CA LYS B 206 22.19 -22.32 -20.48
C LYS B 206 22.93 -23.22 -19.50
N SER B 207 24.18 -23.58 -19.83
CA SER B 207 24.91 -24.46 -18.92
C SER B 207 26.40 -24.14 -18.84
N PHE B 208 27.09 -24.83 -17.91
CA PHE B 208 28.53 -24.86 -17.80
C PHE B 208 28.96 -26.27 -17.36
N ASN B 209 30.19 -26.66 -17.73
CA ASN B 209 30.83 -27.85 -17.20
C ASN B 209 31.73 -27.44 -16.02
N ARG B 210 31.48 -28.05 -14.85
CA ARG B 210 32.18 -27.69 -13.63
C ARG B 210 33.69 -27.75 -13.86
N GLY B 211 34.38 -26.64 -13.50
CA GLY B 211 35.83 -26.56 -13.55
C GLY B 211 36.38 -26.06 -14.89
N GLU B 212 35.49 -25.57 -15.77
CA GLU B 212 35.87 -24.97 -17.04
C GLU B 212 35.33 -23.54 -17.13
N GLU C 4 -4.81 21.93 4.06
CA GLU C 4 -4.25 22.62 5.27
C GLU C 4 -4.38 21.69 6.49
N VAL C 5 -4.50 20.40 6.22
CA VAL C 5 -4.61 19.36 7.24
C VAL C 5 -3.38 18.47 7.16
N GLN C 6 -2.77 18.18 8.31
CA GLN C 6 -1.61 17.30 8.34
C GLN C 6 -1.72 16.29 9.47
N LEU C 7 -1.26 15.07 9.21
CA LEU C 7 -0.88 14.14 10.26
C LEU C 7 0.64 13.97 10.18
N VAL C 8 1.31 14.03 11.34
CA VAL C 8 2.74 13.78 11.40
C VAL C 8 3.00 12.60 12.31
N GLU C 9 3.79 11.63 11.81
CA GLU C 9 4.10 10.42 12.56
C GLU C 9 5.52 10.52 13.10
N SER C 10 5.78 9.74 14.15
CA SER C 10 7.05 9.74 14.86
C SER C 10 7.12 8.52 15.77
N GLY C 11 8.26 8.36 16.44
CA GLY C 11 8.56 7.17 17.23
C GLY C 11 8.85 5.98 16.32
N GLY C 12 9.21 4.85 16.94
CA GLY C 12 9.34 3.61 16.19
C GLY C 12 10.71 3.45 15.53
N GLY C 13 10.97 2.24 15.05
CA GLY C 13 12.25 1.85 14.51
C GLY C 13 12.64 0.45 14.97
N LEU C 14 13.75 0.37 15.71
CA LEU C 14 14.35 -0.90 16.08
C LEU C 14 14.00 -1.24 17.52
N VAL C 15 13.57 -2.48 17.72
CA VAL C 15 13.26 -3.01 19.05
C VAL C 15 13.43 -4.53 19.03
N GLN C 16 13.78 -5.08 20.19
CA GLN C 16 13.80 -6.52 20.43
C GLN C 16 12.37 -7.03 20.53
N PRO C 17 12.10 -8.30 20.14
CA PRO C 17 10.80 -8.93 20.42
C PRO C 17 10.66 -9.13 21.93
N GLY C 18 9.44 -8.95 22.43
CA GLY C 18 9.22 -8.84 23.86
C GLY C 18 9.67 -7.48 24.36
N GLY C 19 9.79 -6.53 23.43
CA GLY C 19 9.97 -5.12 23.74
C GLY C 19 8.67 -4.35 23.53
N SER C 20 8.70 -3.05 23.83
CA SER C 20 7.52 -2.19 23.73
C SER C 20 7.89 -0.83 23.16
N LEU C 21 6.98 -0.27 22.35
CA LEU C 21 7.22 0.90 21.54
C LEU C 21 5.92 1.68 21.37
N ARG C 22 6.04 3.00 21.24
CA ARG C 22 4.88 3.88 21.23
C ARG C 22 4.97 4.85 20.04
N LEU C 23 3.96 4.76 19.16
CA LEU C 23 3.88 5.58 17.96
C LEU C 23 2.99 6.79 18.22
N SER C 24 3.32 7.90 17.55
CA SER C 24 2.59 9.15 17.71
C SER C 24 1.97 9.57 16.38
N CYS C 25 0.78 10.19 16.46
CA CYS C 25 0.13 10.82 15.32
C CYS C 25 -0.45 12.14 15.79
N ALA C 26 0.36 13.21 15.72
CA ALA C 26 -0.07 14.55 16.06
C ALA C 26 -0.72 15.20 14.83
N ALA C 27 -1.88 15.84 15.02
CA ALA C 27 -2.70 16.27 13.91
C ALA C 27 -2.97 17.77 13.98
N SER C 28 -2.94 18.43 12.82
CA SER C 28 -3.15 19.86 12.74
C SER C 28 -4.06 20.20 11.57
N GLY C 29 -4.91 21.22 11.79
CA GLY C 29 -5.66 21.88 10.73
C GLY C 29 -7.14 21.50 10.71
N PHE C 30 -7.62 20.90 11.81
CA PHE C 30 -9.02 20.48 11.85
C PHE C 30 -9.46 20.21 13.29
N ASN C 31 -10.78 20.19 13.48
CA ASN C 31 -11.39 19.90 14.77
C ASN C 31 -11.22 18.41 15.06
N PHE C 32 -10.36 18.10 16.03
CA PHE C 32 -9.87 16.76 16.27
C PHE C 32 -11.00 15.81 16.68
N SER C 33 -11.90 16.31 17.54
CA SER C 33 -12.87 15.45 18.20
C SER C 33 -13.98 15.00 17.26
N TYR C 34 -13.96 15.51 16.02
CA TYR C 34 -15.01 15.25 15.04
C TYR C 34 -14.64 14.08 14.14
N TYR C 35 -13.56 13.39 14.51
CA TYR C 35 -12.96 12.40 13.63
C TYR C 35 -12.41 11.24 14.44
N SER C 36 -12.15 10.14 13.74
CA SER C 36 -11.43 8.99 14.25
C SER C 36 -10.02 9.06 13.69
N ILE C 37 -9.06 8.45 14.39
CA ILE C 37 -7.70 8.28 13.89
C ILE C 37 -7.43 6.78 13.79
N HIS C 38 -6.91 6.34 12.64
CA HIS C 38 -6.69 4.93 12.40
C HIS C 38 -5.20 4.67 12.25
N TRP C 39 -4.79 3.44 12.58
CA TRP C 39 -3.46 2.98 12.25
C TRP C 39 -3.56 1.91 11.16
N VAL C 40 -2.71 2.07 10.14
CA VAL C 40 -2.67 1.15 9.02
C VAL C 40 -1.20 0.87 8.74
N ARG C 41 -0.84 -0.41 8.70
CA ARG C 41 0.54 -0.78 8.53
C ARG C 41 0.70 -1.59 7.25
N GLN C 42 1.93 -1.57 6.73
CA GLN C 42 2.26 -2.30 5.52
C GLN C 42 3.64 -2.93 5.68
N ALA C 43 3.65 -4.25 5.82
CA ALA C 43 4.88 -5.03 5.86
C ALA C 43 5.63 -4.78 4.55
N PRO C 44 6.99 -4.83 4.54
CA PRO C 44 7.76 -4.53 3.34
C PRO C 44 7.37 -5.41 2.15
N GLY C 45 6.86 -4.76 1.10
CA GLY C 45 6.46 -5.42 -0.13
C GLY C 45 5.16 -6.19 0.00
N LYS C 46 4.29 -5.77 0.94
CA LYS C 46 3.03 -6.45 1.17
C LYS C 46 1.88 -5.44 1.11
N GLY C 47 0.64 -5.94 1.22
CA GLY C 47 -0.54 -5.09 1.19
C GLY C 47 -0.66 -4.22 2.44
N LEU C 48 -1.69 -3.36 2.44
CA LEU C 48 -2.04 -2.54 3.60
C LEU C 48 -2.83 -3.38 4.60
N GLU C 49 -2.67 -3.08 5.90
CA GLU C 49 -3.38 -3.80 6.94
C GLU C 49 -3.90 -2.82 7.99
N TRP C 50 -5.22 -2.68 8.05
CA TRP C 50 -5.84 -1.89 9.11
C TRP C 50 -5.61 -2.58 10.45
N VAL C 51 -5.33 -1.76 11.46
CA VAL C 51 -4.80 -2.24 12.73
C VAL C 51 -5.72 -1.83 13.89
N ALA C 52 -6.16 -0.57 13.90
CA ALA C 52 -6.96 -0.03 15.00
C ALA C 52 -7.43 1.39 14.71
N TYR C 53 -8.42 1.84 15.49
CA TYR C 53 -8.92 3.21 15.43
C TYR C 53 -9.40 3.65 16.82
N ILE C 54 -9.49 4.98 17.00
CA ILE C 54 -10.00 5.60 18.22
C ILE C 54 -10.73 6.89 17.83
N SER C 55 -11.74 7.28 18.63
CA SER C 55 -12.45 8.53 18.47
C SER C 55 -12.26 9.43 19.70
N SER C 56 -13.19 10.37 19.90
CA SER C 56 -13.18 11.25 21.06
C SER C 56 -13.32 10.43 22.34
N SER C 57 -14.55 9.95 22.60
CA SER C 57 -14.84 8.96 23.63
C SER C 57 -13.94 7.75 23.46
N SER C 58 -13.23 7.39 24.54
CA SER C 58 -12.15 6.40 24.45
C SER C 58 -12.69 4.98 24.51
N SER C 59 -14.00 4.84 24.73
CA SER C 59 -14.67 3.56 24.61
C SER C 59 -14.72 3.13 23.13
N TYR C 60 -14.92 4.15 22.27
CA TYR C 60 -14.84 3.99 20.83
C TYR C 60 -13.41 3.64 20.44
N THR C 61 -13.13 2.33 20.43
CA THR C 61 -11.91 1.75 19.91
C THR C 61 -12.24 0.39 19.30
N SER C 62 -11.34 -0.10 18.44
CA SER C 62 -11.36 -1.50 18.02
C SER C 62 -10.02 -1.86 17.37
N TYR C 63 -9.74 -3.15 17.38
CA TYR C 63 -8.45 -3.67 16.89
C TYR C 63 -8.72 -4.88 16.01
N ALA C 64 -7.79 -5.20 15.13
CA ALA C 64 -7.96 -6.39 14.28
C ALA C 64 -7.53 -7.61 15.09
N ASP C 65 -7.85 -8.81 14.62
CA ASP C 65 -7.52 -10.05 15.37
C ASP C 65 -6.01 -10.24 15.55
N SER C 66 -5.16 -9.74 14.64
CA SER C 66 -3.70 -9.92 14.74
C SER C 66 -3.00 -9.09 15.83
N VAL C 67 -3.70 -8.20 16.55
CA VAL C 67 -3.00 -7.22 17.43
C VAL C 67 -3.84 -6.95 18.67
N LYS C 68 -5.05 -7.48 18.69
CA LYS C 68 -6.08 -7.22 19.74
C LYS C 68 -5.48 -7.06 21.14
N GLY C 69 -4.78 -8.07 21.64
CA GLY C 69 -4.25 -7.95 23.01
C GLY C 69 -2.90 -7.29 23.10
N ARG C 70 -2.09 -7.37 22.03
CA ARG C 70 -0.72 -6.83 22.12
C ARG C 70 -0.68 -5.31 22.01
N PHE C 71 -1.57 -4.69 21.25
CA PHE C 71 -1.46 -3.21 21.10
C PHE C 71 -2.55 -2.48 21.88
N THR C 72 -2.30 -1.19 22.13
CA THR C 72 -3.24 -0.31 22.80
C THR C 72 -3.23 1.06 22.11
N ILE C 73 -4.42 1.54 21.76
CA ILE C 73 -4.58 2.85 21.15
C ILE C 73 -5.16 3.82 22.18
N SER C 74 -4.59 5.02 22.25
CA SER C 74 -5.07 6.07 23.12
C SER C 74 -5.05 7.41 22.37
N ALA C 75 -5.56 8.46 23.00
CA ALA C 75 -5.59 9.79 22.41
C ALA C 75 -5.64 10.86 23.50
N ASP C 76 -5.05 12.03 23.21
CA ASP C 76 -5.12 13.19 24.07
C ASP C 76 -5.59 14.40 23.26
N THR C 77 -6.82 14.87 23.57
CA THR C 77 -7.50 15.91 22.81
C THR C 77 -7.01 17.30 23.23
N SER C 78 -6.11 17.34 24.22
CA SER C 78 -5.51 18.58 24.69
C SER C 78 -4.62 19.16 23.60
N LYS C 79 -3.91 18.29 22.87
CA LYS C 79 -2.92 18.73 21.89
C LYS C 79 -3.25 18.22 20.49
N ASN C 80 -4.34 17.44 20.38
CA ASN C 80 -4.76 16.84 19.12
C ASN C 80 -3.70 15.86 18.61
N THR C 81 -3.40 14.85 19.43
CA THR C 81 -2.47 13.77 19.10
C THR C 81 -3.18 12.45 19.40
N ALA C 82 -2.66 11.35 18.84
CA ALA C 82 -3.14 10.01 19.18
C ALA C 82 -1.99 9.02 19.12
N TYR C 83 -2.04 8.00 19.99
CA TYR C 83 -0.93 7.07 20.19
C TYR C 83 -1.34 5.65 19.84
N LEU C 84 -0.33 4.86 19.48
CA LEU C 84 -0.41 3.41 19.45
C LEU C 84 0.75 2.87 20.29
N GLN C 85 0.41 2.34 21.46
CA GLN C 85 1.40 1.62 22.23
C GLN C 85 1.39 0.17 21.75
N MET C 86 2.58 -0.33 21.42
CA MET C 86 2.77 -1.68 20.93
C MET C 86 3.60 -2.46 21.95
N ASN C 87 3.11 -3.65 22.32
CA ASN C 87 3.82 -4.57 23.20
C ASN C 87 3.93 -5.93 22.51
N SER C 88 4.58 -6.88 23.20
CA SER C 88 4.68 -8.27 22.74
C SER C 88 4.95 -8.31 21.24
N LEU C 89 6.10 -7.75 20.85
CA LEU C 89 6.37 -7.43 19.45
C LEU C 89 6.96 -8.63 18.71
N ARG C 90 6.10 -9.40 18.03
CA ARG C 90 6.53 -10.55 17.25
C ARG C 90 7.13 -10.09 15.92
N ALA C 91 7.36 -11.05 15.02
CA ALA C 91 8.00 -10.81 13.74
C ALA C 91 7.08 -9.96 12.86
N GLU C 92 5.83 -10.41 12.69
CA GLU C 92 4.89 -9.87 11.72
C GLU C 92 4.53 -8.43 12.04
N ASP C 93 5.26 -7.81 12.98
CA ASP C 93 5.00 -6.45 13.38
C ASP C 93 5.94 -5.50 12.65
N THR C 94 7.02 -6.05 12.07
CA THR C 94 7.93 -5.26 11.25
C THR C 94 7.16 -4.79 10.01
N ALA C 95 7.01 -3.46 9.91
CA ALA C 95 6.20 -2.83 8.88
C ALA C 95 6.37 -1.31 8.93
N VAL C 96 5.95 -0.65 7.83
CA VAL C 96 5.74 0.79 7.80
C VAL C 96 4.34 1.04 8.38
N TYR C 97 4.24 2.05 9.25
CA TYR C 97 3.02 2.31 9.99
C TYR C 97 2.52 3.71 9.66
N TYR C 98 1.33 3.76 9.04
CA TYR C 98 0.64 5.00 8.72
C TYR C 98 -0.45 5.26 9.77
N CYS C 99 -0.75 6.55 9.97
CA CYS C 99 -1.98 6.94 10.65
C CYS C 99 -2.86 7.70 9.65
N ALA C 100 -4.17 7.40 9.69
CA ALA C 100 -5.09 8.03 8.77
C ALA C 100 -6.32 8.52 9.52
N ARG C 101 -7.03 9.46 8.90
CA ARG C 101 -8.18 10.11 9.51
C ARG C 101 -9.46 9.63 8.83
N GLY C 102 -10.45 9.26 9.65
CA GLY C 102 -11.78 8.96 9.15
C GLY C 102 -12.84 9.70 9.95
N TYR C 103 -14.11 9.42 9.64
CA TYR C 103 -15.25 10.04 10.30
C TYR C 103 -15.39 9.53 11.73
N GLN C 104 -15.90 10.39 12.61
CA GLN C 104 -16.02 10.08 14.04
C GLN C 104 -16.92 8.86 14.24
N TYR C 105 -18.00 8.75 13.46
CA TYR C 105 -18.99 7.73 13.70
C TYR C 105 -19.05 6.74 12.53
N TRP C 106 -17.87 6.45 11.95
CA TRP C 106 -17.76 5.67 10.73
C TRP C 106 -18.48 4.33 10.86
N GLN C 107 -18.34 3.68 12.01
CA GLN C 107 -18.93 2.39 12.29
C GLN C 107 -20.45 2.47 12.15
N TYR C 108 -21.01 3.56 12.66
CA TYR C 108 -22.45 3.77 12.73
C TYR C 108 -23.00 4.10 11.34
N HIS C 109 -22.17 4.77 10.52
CA HIS C 109 -22.56 5.24 9.19
C HIS C 109 -22.38 4.15 8.15
N ALA C 110 -21.61 3.10 8.49
CA ALA C 110 -21.28 2.05 7.55
C ALA C 110 -22.54 1.35 7.06
N SER C 111 -22.69 1.31 5.73
CA SER C 111 -23.89 0.79 5.09
C SER C 111 -23.58 0.41 3.65
N TRP C 112 -24.61 -0.11 2.97
CA TRP C 112 -24.50 -0.60 1.60
C TRP C 112 -24.18 0.54 0.63
N TYR C 113 -24.56 1.78 0.99
CA TYR C 113 -24.36 2.90 0.08
C TYR C 113 -23.27 3.85 0.59
N TRP C 114 -22.83 3.67 1.84
CA TRP C 114 -21.93 4.68 2.41
C TRP C 114 -20.62 4.08 2.95
N ASN C 115 -19.52 4.77 2.63
CA ASN C 115 -18.24 4.52 3.26
C ASN C 115 -17.27 5.67 2.93
N GLY C 116 -16.90 6.41 3.97
CA GLY C 116 -16.18 7.67 3.81
C GLY C 116 -14.71 7.42 3.55
N GLY C 117 -14.27 6.19 3.85
CA GLY C 117 -12.87 5.82 3.85
C GLY C 117 -12.01 6.77 4.69
N LEU C 118 -10.70 6.77 4.43
CA LEU C 118 -9.76 7.55 5.20
C LEU C 118 -9.08 8.55 4.28
N ASP C 119 -9.32 9.84 4.54
CA ASP C 119 -8.98 10.92 3.61
C ASP C 119 -7.51 11.34 3.75
N TYR C 120 -7.06 11.61 4.98
CA TYR C 120 -5.71 12.15 5.21
C TYR C 120 -4.83 11.10 5.88
N TRP C 121 -3.57 11.07 5.45
CA TRP C 121 -2.60 10.08 5.90
C TRP C 121 -1.31 10.79 6.29
N GLY C 122 -0.60 10.21 7.28
CA GLY C 122 0.74 10.65 7.63
C GLY C 122 1.77 10.11 6.64
N GLN C 123 3.05 10.42 6.90
CA GLN C 123 4.13 10.12 5.99
C GLN C 123 4.56 8.66 6.13
N GLY C 124 4.24 8.05 7.29
CA GLY C 124 4.66 6.69 7.63
C GLY C 124 5.89 6.68 8.54
N THR C 125 6.01 5.60 9.33
CA THR C 125 7.18 5.35 10.17
C THR C 125 7.51 3.86 10.18
N LEU C 126 8.80 3.56 10.08
CA LEU C 126 9.29 2.20 9.97
C LEU C 126 9.45 1.62 11.37
N VAL C 127 8.94 0.39 11.54
CA VAL C 127 9.07 -0.36 12.77
C VAL C 127 9.56 -1.76 12.42
N THR C 128 10.70 -2.14 13.02
CA THR C 128 11.32 -3.41 12.72
C THR C 128 11.78 -4.09 14.01
N VAL C 129 11.45 -5.37 14.13
CA VAL C 129 11.81 -6.16 15.29
C VAL C 129 12.90 -7.14 14.87
N PHE C 130 14.09 -6.98 15.46
CA PHE C 130 15.26 -7.84 15.13
C PHE C 130 15.46 -8.89 16.23
N ASN C 131 14.91 -10.09 16.03
CA ASN C 131 15.04 -11.17 16.97
C ASN C 131 16.52 -11.53 17.09
N GLN C 132 17.05 -12.16 16.04
CA GLN C 132 18.48 -12.42 15.94
C GLN C 132 19.05 -11.47 14.90
N ILE C 133 20.39 -11.33 14.92
CA ILE C 133 21.12 -10.52 13.97
C ILE C 133 22.33 -11.31 13.49
N LYS C 134 22.43 -11.44 12.16
CA LYS C 134 23.60 -11.96 11.47
C LYS C 134 23.96 -11.02 10.34
N GLY C 135 25.25 -10.81 10.12
CA GLY C 135 25.68 -10.04 8.96
C GLY C 135 25.82 -10.94 7.74
N PRO C 136 25.70 -10.39 6.50
CA PRO C 136 25.79 -11.21 5.30
C PRO C 136 27.21 -11.61 4.91
N SER C 137 27.34 -12.80 4.34
CA SER C 137 28.47 -13.06 3.46
C SER C 137 28.11 -12.59 2.05
N VAL C 138 29.14 -12.18 1.32
CA VAL C 138 29.00 -11.70 -0.04
C VAL C 138 29.96 -12.50 -0.90
N PHE C 139 29.46 -13.06 -2.01
CA PHE C 139 30.29 -13.79 -2.94
C PHE C 139 30.10 -13.21 -4.33
N PRO C 140 31.13 -13.29 -5.21
CA PRO C 140 31.02 -12.71 -6.55
C PRO C 140 30.23 -13.62 -7.46
N LEU C 141 29.44 -13.02 -8.37
CA LEU C 141 28.97 -13.70 -9.56
C LEU C 141 29.82 -13.20 -10.71
N ALA C 142 30.86 -13.97 -11.06
CA ALA C 142 31.93 -13.49 -11.91
C ALA C 142 31.48 -13.46 -13.36
N PRO C 143 31.91 -12.43 -14.14
CA PRO C 143 31.54 -12.30 -15.56
C PRO C 143 31.59 -13.65 -16.28
N SER C 144 30.46 -14.02 -16.88
CA SER C 144 30.25 -15.31 -17.52
C SER C 144 31.05 -15.44 -18.81
N SER C 145 31.24 -14.32 -19.53
CA SER C 145 32.07 -14.33 -20.74
C SER C 145 33.36 -13.53 -20.50
N LYS C 146 34.01 -13.13 -21.60
CA LYS C 146 35.27 -12.41 -21.59
C LYS C 146 35.21 -11.28 -22.64
N GLY C 150 32.28 -10.62 -27.94
CA GLY C 150 32.13 -10.37 -26.49
C GLY C 150 30.71 -9.89 -26.14
N GLY C 151 30.26 -8.85 -26.85
CA GLY C 151 28.97 -8.21 -26.65
C GLY C 151 28.76 -7.75 -25.20
N THR C 152 27.78 -8.35 -24.55
CA THR C 152 27.38 -7.98 -23.20
C THR C 152 27.88 -9.01 -22.21
N ALA C 153 28.27 -8.55 -21.02
CA ALA C 153 28.55 -9.45 -19.91
C ALA C 153 27.71 -9.08 -18.70
N ALA C 154 27.28 -10.11 -17.98
CA ALA C 154 26.57 -9.92 -16.72
C ALA C 154 27.50 -10.33 -15.57
N LEU C 155 27.52 -9.49 -14.52
CA LEU C 155 28.24 -9.81 -13.30
C LEU C 155 27.42 -9.35 -12.11
N GLY C 156 27.70 -9.91 -10.92
CA GLY C 156 26.86 -9.64 -9.76
C GLY C 156 27.51 -10.03 -8.44
N CYS C 157 26.70 -9.88 -7.37
CA CYS C 157 27.05 -10.26 -6.01
C CYS C 157 25.91 -11.07 -5.39
N LEU C 158 26.28 -12.23 -4.85
CA LEU C 158 25.38 -13.05 -4.06
C LEU C 158 25.51 -12.63 -2.60
N VAL C 159 24.45 -12.04 -2.05
CA VAL C 159 24.46 -11.54 -0.68
C VAL C 159 23.71 -12.53 0.20
N LYS C 160 24.45 -13.22 1.10
CA LYS C 160 23.96 -14.48 1.64
C LYS C 160 24.00 -14.53 3.16
N ASP C 161 22.95 -15.14 3.74
CA ASP C 161 22.87 -15.65 5.11
C ASP C 161 22.87 -14.53 6.14
N TYR C 162 22.01 -13.54 5.95
CA TYR C 162 21.91 -12.42 6.91
C TYR C 162 20.52 -12.38 7.53
N PHE C 163 20.37 -11.62 8.61
CA PHE C 163 19.07 -11.50 9.31
C PHE C 163 19.14 -10.36 10.33
N PRO C 164 18.14 -9.47 10.37
CA PRO C 164 16.98 -9.57 9.53
C PRO C 164 17.12 -8.59 8.36
N GLU C 165 16.00 -8.27 7.69
CA GLU C 165 16.02 -7.32 6.56
C GLU C 165 16.26 -5.91 7.10
N PRO C 166 16.76 -4.96 6.28
CA PRO C 166 17.20 -5.27 4.94
C PRO C 166 18.67 -4.94 4.69
N VAL C 167 19.09 -5.21 3.46
CA VAL C 167 20.46 -4.86 3.00
C VAL C 167 20.27 -4.01 1.76
N THR C 168 21.06 -2.95 1.62
CA THR C 168 21.06 -2.16 0.40
C THR C 168 22.32 -2.55 -0.38
N VAL C 169 22.25 -2.35 -1.71
CA VAL C 169 23.34 -2.70 -2.58
C VAL C 169 23.54 -1.55 -3.57
N SER C 170 24.74 -0.99 -3.58
CA SER C 170 25.11 -0.05 -4.64
C SER C 170 26.23 -0.70 -5.46
N TRP C 171 26.51 -0.13 -6.64
CA TRP C 171 27.65 -0.57 -7.40
C TRP C 171 28.56 0.63 -7.63
N ASN C 172 29.86 0.45 -7.33
CA ASN C 172 30.83 1.51 -7.40
C ASN C 172 30.32 2.72 -6.61
N SER C 173 29.79 2.43 -5.42
CA SER C 173 29.37 3.44 -4.45
C SER C 173 28.44 4.46 -5.09
N GLY C 174 27.53 3.98 -5.94
CA GLY C 174 26.50 4.84 -6.52
C GLY C 174 26.86 5.37 -7.92
N ALA C 175 28.10 5.17 -8.36
CA ALA C 175 28.55 5.69 -9.65
C ALA C 175 27.97 4.87 -10.80
N LEU C 176 27.85 3.55 -10.63
CA LEU C 176 27.18 2.74 -11.63
C LEU C 176 25.75 2.48 -11.19
N THR C 177 24.77 2.92 -11.98
CA THR C 177 23.37 2.67 -11.65
C THR C 177 22.63 2.04 -12.83
N SER C 178 23.03 2.44 -14.04
CA SER C 178 22.43 1.93 -15.26
C SER C 178 22.64 0.43 -15.37
N GLY C 179 21.55 -0.31 -15.65
CA GLY C 179 21.61 -1.74 -15.90
C GLY C 179 21.61 -2.58 -14.63
N VAL C 180 21.47 -1.96 -13.46
CA VAL C 180 21.57 -2.65 -12.18
C VAL C 180 20.21 -3.25 -11.84
N HIS C 181 20.20 -4.48 -11.31
CA HIS C 181 19.00 -5.13 -10.82
C HIS C 181 19.25 -5.74 -9.43
N THR C 182 18.62 -5.17 -8.41
CA THR C 182 18.70 -5.74 -7.07
C THR C 182 17.43 -6.52 -6.78
N PHE C 183 17.57 -7.82 -6.52
CA PHE C 183 16.40 -8.66 -6.33
C PHE C 183 15.87 -8.50 -4.91
N PRO C 184 14.54 -8.56 -4.70
CA PRO C 184 13.98 -8.71 -3.37
C PRO C 184 14.62 -9.94 -2.72
N ALA C 185 14.89 -9.83 -1.41
CA ALA C 185 15.46 -10.91 -0.63
C ALA C 185 14.48 -12.08 -0.63
N VAL C 186 15.02 -13.31 -0.58
CA VAL C 186 14.20 -14.47 -0.28
C VAL C 186 14.64 -15.05 1.07
N LEU C 187 13.67 -15.59 1.83
CA LEU C 187 13.97 -16.27 3.08
C LEU C 187 14.26 -17.74 2.77
N GLN C 188 15.51 -18.15 3.04
CA GLN C 188 15.94 -19.53 2.87
C GLN C 188 15.34 -20.40 3.97
N SER C 189 15.36 -21.71 3.77
CA SER C 189 14.78 -22.61 4.76
C SER C 189 15.53 -22.49 6.09
N SER C 190 16.76 -21.99 6.03
CA SER C 190 17.61 -21.87 7.19
C SER C 190 17.14 -20.73 8.11
N GLY C 191 16.17 -19.95 7.63
CA GLY C 191 15.66 -18.81 8.40
C GLY C 191 16.48 -17.55 8.14
N LEU C 192 17.47 -17.65 7.24
CA LEU C 192 18.33 -16.53 6.90
C LEU C 192 17.97 -16.00 5.52
N TYR C 193 18.01 -14.68 5.35
CA TYR C 193 17.67 -14.06 4.08
C TYR C 193 18.87 -14.11 3.12
N SER C 194 18.56 -13.96 1.83
CA SER C 194 19.54 -13.96 0.77
C SER C 194 19.02 -13.12 -0.38
N LEU C 195 19.92 -12.44 -1.13
CA LEU C 195 19.58 -11.83 -2.42
C LEU C 195 20.79 -11.73 -3.35
N SER C 196 20.51 -11.36 -4.60
CA SER C 196 21.53 -11.14 -5.61
C SER C 196 21.36 -9.73 -6.14
N SER C 197 22.48 -9.10 -6.49
CA SER C 197 22.46 -7.87 -7.25
C SER C 197 23.32 -8.09 -8.48
N VAL C 198 22.82 -7.68 -9.64
CA VAL C 198 23.55 -7.87 -10.89
C VAL C 198 23.62 -6.55 -11.64
N VAL C 199 24.49 -6.53 -12.65
CA VAL C 199 24.57 -5.42 -13.58
C VAL C 199 25.08 -5.98 -14.90
N THR C 200 24.62 -5.41 -16.02
CA THR C 200 25.18 -5.78 -17.30
C THR C 200 26.06 -4.63 -17.79
N VAL C 201 27.19 -5.01 -18.41
CA VAL C 201 28.17 -4.06 -18.90
C VAL C 201 28.76 -4.58 -20.22
N PRO C 202 29.42 -3.72 -21.02
CA PRO C 202 30.08 -4.15 -22.25
C PRO C 202 31.34 -4.96 -21.95
N SER C 203 31.42 -6.16 -22.55
CA SER C 203 32.41 -7.18 -22.28
C SER C 203 33.84 -6.62 -22.30
N SER C 204 34.01 -5.52 -23.03
CA SER C 204 35.33 -4.99 -23.30
C SER C 204 35.79 -4.08 -22.16
N SER C 205 34.87 -3.77 -21.25
CA SER C 205 35.18 -2.93 -20.10
C SER C 205 35.68 -3.79 -18.93
N LEU C 206 35.71 -5.11 -19.12
CA LEU C 206 36.08 -6.02 -18.03
C LEU C 206 37.56 -5.88 -17.70
N GLY C 207 38.37 -5.46 -18.67
CA GLY C 207 39.80 -5.40 -18.47
C GLY C 207 40.30 -4.00 -18.14
N THR C 208 39.38 -3.02 -18.15
CA THR C 208 39.76 -1.62 -18.03
C THR C 208 38.97 -0.98 -16.88
N GLN C 209 37.77 -1.50 -16.59
CA GLN C 209 36.95 -1.00 -15.51
C GLN C 209 36.87 -1.99 -14.35
N THR C 210 36.85 -1.44 -13.14
CA THR C 210 36.65 -2.17 -11.89
C THR C 210 35.17 -2.14 -11.49
N TYR C 211 34.68 -3.30 -11.00
CA TYR C 211 33.31 -3.41 -10.53
C TYR C 211 33.29 -3.89 -9.07
N ILE C 212 32.82 -3.03 -8.18
CA ILE C 212 32.71 -3.35 -6.78
C ILE C 212 31.24 -3.25 -6.37
N CYS C 213 30.75 -4.24 -5.61
CA CYS C 213 29.41 -4.10 -5.07
C CYS C 213 29.51 -3.75 -3.59
N ASN C 214 28.64 -2.82 -3.17
CA ASN C 214 28.65 -2.28 -1.82
C ASN C 214 27.39 -2.77 -1.10
N VAL C 215 27.59 -3.66 -0.13
CA VAL C 215 26.49 -4.22 0.64
C VAL C 215 26.48 -3.54 2.00
N ASN C 216 25.31 -3.04 2.39
CA ASN C 216 25.13 -2.40 3.67
C ASN C 216 24.04 -3.14 4.44
N HIS C 217 24.33 -3.45 5.71
CA HIS C 217 23.40 -4.15 6.58
C HIS C 217 23.37 -3.47 7.94
N LYS C 218 22.49 -2.46 8.07
CA LYS C 218 22.34 -1.64 9.27
C LYS C 218 22.07 -2.49 10.52
N PRO C 219 21.12 -3.46 10.51
CA PRO C 219 20.87 -4.28 11.69
C PRO C 219 22.13 -4.78 12.38
N SER C 220 23.21 -5.03 11.62
CA SER C 220 24.44 -5.51 12.22
C SER C 220 25.57 -4.49 12.08
N ASN C 221 25.26 -3.28 11.58
CA ASN C 221 26.24 -2.24 11.32
C ASN C 221 27.39 -2.73 10.44
N THR C 222 27.14 -3.71 9.54
CA THR C 222 28.16 -4.23 8.65
C THR C 222 28.05 -3.61 7.27
N LYS C 223 29.19 -3.18 6.72
CA LYS C 223 29.32 -2.85 5.31
C LYS C 223 30.35 -3.80 4.68
N VAL C 224 29.95 -4.54 3.63
CA VAL C 224 30.86 -5.37 2.86
C VAL C 224 31.03 -4.80 1.46
N ASP C 225 32.28 -4.58 1.04
CA ASP C 225 32.57 -4.15 -0.32
C ASP C 225 33.27 -5.28 -1.05
N LYS C 226 32.76 -5.66 -2.24
CA LYS C 226 33.28 -6.84 -2.90
C LYS C 226 33.65 -6.56 -4.36
N LYS C 227 34.93 -6.78 -4.66
CA LYS C 227 35.49 -6.59 -5.99
C LYS C 227 35.18 -7.82 -6.85
N VAL C 228 34.39 -7.62 -7.92
CA VAL C 228 34.03 -8.71 -8.83
C VAL C 228 34.98 -8.67 -10.03
N GLU C 229 35.85 -9.68 -10.11
CA GLU C 229 36.84 -9.78 -11.17
C GLU C 229 36.48 -10.95 -12.08
N PRO C 230 36.90 -10.93 -13.36
CA PRO C 230 36.74 -12.10 -14.24
C PRO C 230 37.54 -13.26 -13.67
N LYS C 231 36.95 -14.46 -13.65
CA LYS C 231 37.66 -15.65 -13.18
C LYS C 231 38.36 -16.33 -14.38
C1 PEG D . 4.15 -2.44 -3.70
O1 PEG D . 3.56 -3.56 -3.08
C2 PEG D . 3.53 -1.15 -3.27
O2 PEG D . 4.02 -0.78 -1.99
C3 PEG D . 4.43 0.59 -1.93
C4 PEG D . 5.64 0.71 -1.06
O4 PEG D . 5.68 1.94 -0.36
C1 PEG E . 18.66 1.32 -15.26
O1 PEG E . 17.99 0.36 -16.05
C2 PEG E . 17.70 2.18 -14.47
O2 PEG E . 18.25 2.48 -13.20
C3 PEG E . 17.54 1.88 -12.13
C4 PEG E . 18.09 0.51 -11.84
O4 PEG E . 17.58 -0.48 -12.73
#